data_3I33
#
_entry.id   3I33
#
_cell.length_a   48.180
_cell.length_b   78.600
_cell.length_c   93.990
_cell.angle_alpha   90.00
_cell.angle_beta   90.00
_cell.angle_gamma   90.00
#
_symmetry.space_group_name_H-M   'P 21 21 21'
#
loop_
_entity.id
_entity.type
_entity.pdbx_description
1 polymer 'Heat shock-related 70 kDa protein 2'
2 non-polymer 'PHOSPHATE ION'
3 non-polymer "ADENOSINE-5'-DIPHOSPHATE"
4 non-polymer 'MAGNESIUM ION'
5 non-polymer GLYCEROL
6 water water
#
_entity_poly.entity_id   1
_entity_poly.type   'polypeptide(L)'
_entity_poly.pdbx_seq_one_letter_code
;MHHHHHHSSGVDLGTENLYFQSMPAIGIDLGTTYSCVGVFQHGKVEIIANDQGNRTTPSYVAFTDTERLIGDAAKNQVAM
NPTNTIFDAKRLIGRKFEDATVQSDMKHWPFRVVSEGGKPKVQVEYKGETKTFFPEEISSMVLTKMKEIAEAYLGGKVHS
AVITVPAYFNDSQRQATKDAGTITGLNVLRIINEPTAAAIAYGLDKKGCAGGEKNVLIFDLGGGTFDVSILTIEDGIFEV
KSTAGDTHLGGEDFDNRMVSHLAEEFKRKHKKDIGPNKRAVRRLRTACERAKRTLSSSTQASIEIDSLYEGVDFYTSITR
ARFEELNADLFRGTLEPVEKALRDAKLDKGQIQEIVLVGGSTRIPKIQKLLQDFFNGKELNKSINPDEAVAYGAAVQAAI
LIGD
;
_entity_poly.pdbx_strand_id   A
#
# COMPACT_ATOMS: atom_id res chain seq x y z
N MET A 23 9.02 -11.43 -25.16
CA MET A 23 8.15 -10.67 -24.20
C MET A 23 8.55 -10.97 -22.75
N PRO A 24 8.89 -9.94 -21.99
CA PRO A 24 9.27 -10.19 -20.59
C PRO A 24 8.06 -10.47 -19.71
N ALA A 25 8.34 -11.08 -18.56
CA ALA A 25 7.36 -11.26 -17.50
C ALA A 25 7.38 -9.99 -16.64
N ILE A 26 6.31 -9.78 -15.89
CA ILE A 26 6.19 -8.57 -15.06
C ILE A 26 6.12 -8.93 -13.57
N GLY A 27 6.47 -7.96 -12.72
CA GLY A 27 6.31 -8.08 -11.29
C GLY A 27 5.19 -7.17 -10.88
N ILE A 28 4.21 -7.71 -10.14
CA ILE A 28 3.10 -6.91 -9.66
C ILE A 28 3.00 -6.94 -8.14
N ASP A 29 3.09 -5.76 -7.55
CA ASP A 29 2.75 -5.53 -6.15
C ASP A 29 1.28 -5.18 -6.12
N LEU A 30 0.46 -6.13 -5.69
CA LEU A 30 -0.97 -5.94 -5.54
C LEU A 30 -1.22 -5.49 -4.10
N GLY A 31 -1.21 -4.18 -3.89
CA GLY A 31 -1.17 -3.63 -2.55
C GLY A 31 -2.53 -3.33 -2.00
N THR A 32 -2.60 -3.18 -0.69
CA THR A 32 -3.86 -2.86 -0.05
C THR A 32 -4.43 -1.57 -0.58
N THR A 33 -3.59 -0.55 -0.71
CA THR A 33 -4.05 0.77 -1.14
C THR A 33 -3.60 1.16 -2.54
N TYR A 34 -2.38 0.77 -2.92
CA TYR A 34 -1.84 1.02 -4.26
C TYR A 34 -1.26 -0.24 -4.83
N SER A 35 -1.26 -0.34 -6.15
CA SER A 35 -0.58 -1.40 -6.85
C SER A 35 0.47 -0.80 -7.77
N CYS A 36 1.47 -1.61 -8.08
CA CYS A 36 2.66 -1.14 -8.80
C CYS A 36 3.15 -2.28 -9.66
N VAL A 37 3.57 -1.98 -10.90
CA VAL A 37 4.03 -3.00 -11.84
C VAL A 37 5.36 -2.61 -12.41
N GLY A 38 6.26 -3.57 -12.43
CA GLY A 38 7.60 -3.38 -12.96
C GLY A 38 7.97 -4.46 -13.95
N VAL A 39 9.00 -4.19 -14.74
CA VAL A 39 9.51 -5.15 -15.70
C VAL A 39 11.02 -5.03 -15.75
N PHE A 40 11.68 -6.17 -15.87
CA PHE A 40 13.13 -6.25 -15.96
C PHE A 40 13.48 -6.48 -17.42
N GLN A 41 14.19 -5.54 -18.03
CA GLN A 41 14.61 -5.64 -19.43
C GLN A 41 16.00 -5.04 -19.53
N HIS A 42 16.85 -5.63 -20.37
CA HIS A 42 18.20 -5.10 -20.61
C HIS A 42 18.91 -4.78 -19.31
N GLY A 43 18.86 -5.72 -18.39
CA GLY A 43 19.65 -5.64 -17.17
C GLY A 43 19.10 -4.77 -16.06
N LYS A 44 17.96 -4.14 -16.26
CA LYS A 44 17.43 -3.24 -15.24
C LYS A 44 15.92 -3.28 -15.11
N VAL A 45 15.43 -2.86 -13.96
CA VAL A 45 14.01 -2.73 -13.70
C VAL A 45 13.49 -1.37 -14.12
N GLU A 46 12.37 -1.37 -14.84
CA GLU A 46 11.60 -0.17 -15.12
C GLU A 46 10.25 -0.33 -14.41
N ILE A 47 9.92 0.63 -13.58
CA ILE A 47 8.60 0.70 -12.96
C ILE A 47 7.74 1.46 -13.93
N ILE A 48 6.58 0.90 -14.28
CA ILE A 48 5.78 1.34 -15.40
C ILE A 48 4.72 2.34 -14.97
N ALA A 49 4.69 3.51 -15.61
CA ALA A 49 3.71 4.53 -15.30
C ALA A 49 2.39 4.18 -15.98
N ASN A 50 1.29 4.50 -15.31
CA ASN A 50 -0.05 4.27 -15.85
C ASN A 50 -0.43 5.40 -16.81
N ASP A 51 -1.68 5.42 -17.27
CA ASP A 51 -2.06 6.39 -18.31
C ASP A 51 -2.38 7.78 -17.77
N GLN A 52 -2.22 7.96 -16.46
CA GLN A 52 -2.18 9.30 -15.88
C GLN A 52 -0.76 9.70 -15.51
N GLY A 53 0.22 8.90 -15.93
CA GLY A 53 1.64 9.17 -15.72
C GLY A 53 2.17 8.77 -14.36
N ASN A 54 1.41 7.94 -13.62
CA ASN A 54 1.74 7.60 -12.24
C ASN A 54 2.31 6.22 -12.11
N ARG A 55 3.37 6.11 -11.32
CA ARG A 55 4.10 4.86 -11.16
C ARG A 55 3.46 3.92 -10.14
N THR A 56 2.41 4.40 -9.47
CA THR A 56 1.54 3.56 -8.63
C THR A 56 0.10 3.84 -9.02
N THR A 57 -0.77 2.88 -8.78
CA THR A 57 -2.16 2.95 -9.16
C THR A 57 -3.02 2.56 -7.96
N PRO A 58 -3.97 3.41 -7.57
CA PRO A 58 -4.83 3.03 -6.44
C PRO A 58 -5.53 1.70 -6.67
N SER A 59 -5.60 0.87 -5.64
CA SER A 59 -6.27 -0.42 -5.71
C SER A 59 -7.77 -0.22 -5.46
N TYR A 60 -8.36 0.56 -6.38
CA TYR A 60 -9.73 1.03 -6.27
C TYR A 60 -10.51 0.65 -7.52
N VAL A 61 -11.77 0.26 -7.33
CA VAL A 61 -12.66 -0.03 -8.46
C VAL A 61 -13.99 0.64 -8.14
N ALA A 62 -14.45 1.49 -9.06
CA ALA A 62 -15.72 2.21 -8.90
C ALA A 62 -16.74 1.78 -9.95
N PHE A 63 -18.01 1.71 -9.53
CA PHE A 63 -19.12 1.34 -10.39
C PHE A 63 -20.20 2.42 -10.39
N THR A 64 -20.75 2.71 -11.57
CA THR A 64 -21.87 3.63 -11.70
C THR A 64 -22.94 3.00 -12.59
N ASP A 65 -23.95 3.76 -12.96
CA ASP A 65 -24.97 3.28 -13.89
C ASP A 65 -24.42 3.11 -15.32
N THR A 66 -23.25 3.66 -15.62
CA THR A 66 -22.70 3.61 -16.99
C THR A 66 -21.23 3.18 -17.13
N GLU A 67 -20.49 3.13 -16.03
CA GLU A 67 -19.03 2.92 -16.09
C GLU A 67 -18.49 2.02 -14.98
N ARG A 68 -17.38 1.35 -15.30
CA ARG A 68 -16.51 0.74 -14.29
C ARG A 68 -15.14 1.41 -14.40
N LEU A 69 -14.70 2.05 -13.32
CA LEU A 69 -13.44 2.77 -13.29
C LEU A 69 -12.47 2.03 -12.38
N ILE A 70 -11.20 2.02 -12.77
CA ILE A 70 -10.16 1.34 -11.99
C ILE A 70 -8.94 2.23 -11.83
N GLY A 71 -8.42 2.32 -10.61
CA GLY A 71 -7.19 3.05 -10.37
C GLY A 71 -7.41 4.51 -10.05
N ASP A 72 -6.58 5.37 -10.64
CA ASP A 72 -6.61 6.81 -10.34
C ASP A 72 -7.99 7.37 -10.61
N ALA A 73 -8.59 6.95 -11.72
CA ALA A 73 -9.93 7.39 -12.08
C ALA A 73 -10.94 7.03 -11.00
N ALA A 74 -10.83 5.84 -10.42
CA ALA A 74 -11.72 5.43 -9.34
C ALA A 74 -11.46 6.22 -8.05
N LYS A 75 -10.20 6.31 -7.63
CA LYS A 75 -9.86 7.02 -6.39
C LYS A 75 -10.24 8.50 -6.47
N ASN A 76 -10.01 9.11 -7.63
CA ASN A 76 -10.26 10.55 -7.79
C ASN A 76 -11.75 10.92 -7.78
N GLN A 77 -12.64 9.95 -8.00
CA GLN A 77 -14.08 10.21 -7.93
C GLN A 77 -14.78 9.63 -6.69
N VAL A 78 -14.01 9.17 -5.71
CA VAL A 78 -14.58 8.60 -4.50
C VAL A 78 -15.46 9.61 -3.73
N ALA A 79 -15.11 10.90 -3.81
CA ALA A 79 -15.89 11.96 -3.16
C ALA A 79 -17.31 11.99 -3.69
N MET A 80 -17.47 11.72 -4.99
CA MET A 80 -18.77 11.74 -5.65
C MET A 80 -19.49 10.40 -5.68
N ASN A 81 -18.79 9.32 -5.31
CA ASN A 81 -19.36 7.98 -5.43
C ASN A 81 -18.81 7.03 -4.33
N PRO A 82 -19.07 7.34 -3.05
CA PRO A 82 -18.49 6.54 -1.94
C PRO A 82 -19.09 5.13 -1.72
N THR A 83 -20.37 4.94 -2.01
CA THR A 83 -21.02 3.67 -1.71
C THR A 83 -20.68 2.56 -2.73
N ASN A 84 -20.31 2.97 -3.94
CA ASN A 84 -20.03 2.03 -5.02
C ASN A 84 -18.59 2.10 -5.47
N THR A 85 -17.72 2.64 -4.62
CA THR A 85 -16.29 2.67 -4.90
C THR A 85 -15.62 1.71 -3.91
N ILE A 86 -15.12 0.61 -4.45
CA ILE A 86 -14.55 -0.45 -3.64
C ILE A 86 -13.05 -0.24 -3.51
N PHE A 87 -12.57 -0.47 -2.30
CA PHE A 87 -11.16 -0.47 -1.98
C PHE A 87 -10.98 -1.48 -0.85
N ASP A 88 -9.74 -1.69 -0.42
CA ASP A 88 -9.45 -2.62 0.66
C ASP A 88 -9.88 -4.07 0.38
N ALA A 89 -10.01 -4.47 -0.88
CA ALA A 89 -10.36 -5.87 -1.15
C ALA A 89 -9.33 -6.85 -0.62
N LYS A 90 -8.09 -6.41 -0.49
CA LYS A 90 -7.03 -7.23 0.06
C LYS A 90 -7.31 -7.62 1.51
N ARG A 91 -8.13 -6.84 2.21
CA ARG A 91 -8.51 -7.16 3.58
C ARG A 91 -9.53 -8.28 3.64
N LEU A 92 -10.20 -8.55 2.51
CA LEU A 92 -11.21 -9.60 2.42
C LEU A 92 -10.72 -10.86 1.74
N ILE A 93 -9.69 -10.75 0.91
CA ILE A 93 -9.34 -11.81 0.00
C ILE A 93 -8.89 -13.06 0.77
N GLY A 94 -9.49 -14.20 0.42
CA GLY A 94 -9.20 -15.46 1.07
C GLY A 94 -9.76 -15.64 2.48
N ARG A 95 -10.60 -14.71 2.92
CA ARG A 95 -11.20 -14.79 4.24
C ARG A 95 -12.63 -15.26 4.14
N LYS A 96 -13.22 -15.60 5.29
CA LYS A 96 -14.63 -15.95 5.37
C LYS A 96 -15.40 -14.78 5.94
N PHE A 97 -16.66 -14.66 5.53
CA PHE A 97 -17.50 -13.56 5.98
C PHE A 97 -17.56 -13.43 7.50
N GLU A 98 -17.62 -14.55 8.21
CA GLU A 98 -17.76 -14.55 9.67
C GLU A 98 -16.45 -14.34 10.42
N ASP A 99 -15.32 -14.24 9.72
CA ASP A 99 -14.04 -13.97 10.38
C ASP A 99 -14.13 -12.66 11.15
N ALA A 100 -13.55 -12.64 12.34
CA ALA A 100 -13.60 -11.46 13.19
C ALA A 100 -13.00 -10.24 12.48
N THR A 101 -11.95 -10.44 11.70
CA THR A 101 -11.32 -9.33 11.00
C THR A 101 -12.28 -8.73 9.98
N VAL A 102 -13.00 -9.57 9.26
CA VAL A 102 -13.95 -9.12 8.24
C VAL A 102 -15.10 -8.34 8.88
N GLN A 103 -15.68 -8.92 9.93
CA GLN A 103 -16.78 -8.28 10.64
C GLN A 103 -16.37 -6.92 11.23
N SER A 104 -15.14 -6.84 11.73
CA SER A 104 -14.61 -5.59 12.25
C SER A 104 -14.39 -4.55 11.16
N ASP A 105 -13.75 -4.96 10.06
CA ASP A 105 -13.45 -4.04 8.96
C ASP A 105 -14.71 -3.49 8.30
N MET A 106 -15.76 -4.31 8.22
CA MET A 106 -17.03 -3.90 7.61
C MET A 106 -17.65 -2.67 8.25
N LYS A 107 -17.44 -2.52 9.55
CA LYS A 107 -17.97 -1.37 10.28
C LYS A 107 -17.33 -0.05 9.87
N HIS A 108 -16.19 -0.10 9.17
CA HIS A 108 -15.47 1.10 8.77
C HIS A 108 -15.51 1.40 7.26
N TRP A 109 -16.21 0.57 6.48
CA TRP A 109 -16.27 0.77 5.03
C TRP A 109 -17.60 1.37 4.63
N PRO A 110 -17.60 2.25 3.61
CA PRO A 110 -18.83 2.88 3.10
C PRO A 110 -19.63 2.00 2.14
N PHE A 111 -18.99 0.95 1.62
CA PHE A 111 -19.64 -0.02 0.74
C PHE A 111 -20.16 -1.21 1.53
N ARG A 112 -21.10 -1.94 0.92
CA ARG A 112 -21.74 -3.08 1.57
C ARG A 112 -20.98 -4.38 1.29
N VAL A 113 -20.87 -5.21 2.31
CA VAL A 113 -20.31 -6.55 2.16
C VAL A 113 -21.35 -7.56 2.62
N VAL A 114 -21.55 -8.59 1.81
CA VAL A 114 -22.53 -9.63 2.08
C VAL A 114 -21.86 -11.00 2.04
N SER A 115 -22.59 -12.02 2.46
CA SER A 115 -22.10 -13.39 2.47
C SER A 115 -22.72 -14.18 1.32
N GLU A 116 -21.89 -14.90 0.59
CA GLU A 116 -22.36 -15.86 -0.41
C GLU A 116 -21.58 -17.17 -0.21
N GLY A 117 -22.28 -18.21 0.24
CA GLY A 117 -21.63 -19.48 0.57
C GLY A 117 -20.52 -19.34 1.59
N GLY A 118 -20.72 -18.47 2.57
CA GLY A 118 -19.73 -18.24 3.62
C GLY A 118 -18.61 -17.28 3.25
N LYS A 119 -18.55 -16.87 1.99
CA LYS A 119 -17.49 -15.97 1.52
C LYS A 119 -17.99 -14.54 1.44
N PRO A 120 -17.14 -13.56 1.78
CA PRO A 120 -17.54 -12.18 1.64
C PRO A 120 -17.62 -11.77 0.17
N LYS A 121 -18.56 -10.91 -0.15
CA LYS A 121 -18.65 -10.30 -1.47
C LYS A 121 -19.00 -8.83 -1.27
N VAL A 122 -18.43 -7.96 -2.08
CA VAL A 122 -18.87 -6.57 -2.05
C VAL A 122 -20.12 -6.44 -2.91
N GLN A 123 -21.03 -5.56 -2.50
CA GLN A 123 -22.28 -5.33 -3.22
C GLN A 123 -22.30 -3.89 -3.70
N VAL A 124 -22.53 -3.69 -4.99
CA VAL A 124 -22.57 -2.38 -5.61
C VAL A 124 -23.75 -2.27 -6.57
N GLU A 125 -24.07 -1.04 -6.93
CA GLU A 125 -24.98 -0.79 -8.04
C GLU A 125 -24.12 -0.51 -9.25
N TYR A 126 -24.37 -1.26 -10.33
CA TYR A 126 -23.60 -1.16 -11.55
C TYR A 126 -24.54 -1.33 -12.75
N LYS A 127 -24.61 -0.29 -13.58
CA LYS A 127 -25.48 -0.28 -14.76
C LYS A 127 -26.89 -0.84 -14.52
N GLY A 128 -27.60 -0.28 -13.53
CA GLY A 128 -29.01 -0.59 -13.33
C GLY A 128 -29.31 -1.85 -12.55
N GLU A 129 -28.25 -2.49 -12.04
CA GLU A 129 -28.39 -3.74 -11.32
C GLU A 129 -27.54 -3.73 -10.07
N THR A 130 -28.04 -4.43 -9.04
CA THR A 130 -27.24 -4.79 -7.89
C THR A 130 -26.34 -5.94 -8.29
N LYS A 131 -25.03 -5.74 -8.19
CA LYS A 131 -24.03 -6.75 -8.52
C LYS A 131 -23.23 -7.07 -7.27
N THR A 132 -22.83 -8.32 -7.10
CA THR A 132 -21.89 -8.70 -6.04
C THR A 132 -20.63 -9.29 -6.64
N PHE A 133 -19.48 -9.00 -6.01
CA PHE A 133 -18.19 -9.46 -6.48
C PHE A 133 -17.38 -10.05 -5.35
N PHE A 134 -16.78 -11.21 -5.59
CA PHE A 134 -15.81 -11.77 -4.66
C PHE A 134 -14.58 -10.87 -4.58
N PRO A 135 -13.86 -10.92 -3.46
CA PRO A 135 -12.66 -10.09 -3.35
C PRO A 135 -11.67 -10.36 -4.48
N GLU A 136 -11.51 -11.62 -4.86
CA GLU A 136 -10.61 -11.96 -5.96
C GLU A 136 -11.10 -11.44 -7.31
N GLU A 137 -12.40 -11.23 -7.47
CA GLU A 137 -12.88 -10.56 -8.68
C GLU A 137 -12.49 -9.08 -8.71
N ILE A 138 -12.64 -8.40 -7.59
CA ILE A 138 -12.20 -7.02 -7.50
C ILE A 138 -10.69 -6.94 -7.72
N SER A 139 -9.94 -7.81 -7.05
CA SER A 139 -8.48 -7.79 -7.21
C SER A 139 -8.08 -8.18 -8.63
N SER A 140 -8.85 -9.05 -9.27
CA SER A 140 -8.59 -9.34 -10.68
C SER A 140 -8.78 -8.10 -11.55
N MET A 141 -9.76 -7.27 -11.23
CA MET A 141 -9.95 -6.02 -11.98
C MET A 141 -8.74 -5.11 -11.85
N VAL A 142 -8.16 -5.06 -10.65
CA VAL A 142 -6.95 -4.29 -10.42
C VAL A 142 -5.76 -4.93 -11.16
N LEU A 143 -5.63 -6.25 -11.08
CA LEU A 143 -4.57 -6.94 -11.81
C LEU A 143 -4.69 -6.75 -13.33
N THR A 144 -5.91 -6.78 -13.85
CA THR A 144 -6.13 -6.53 -15.26
C THR A 144 -5.67 -5.14 -15.65
N LYS A 145 -5.96 -4.15 -14.81
CA LYS A 145 -5.46 -2.81 -15.04
C LYS A 145 -3.93 -2.79 -15.04
N MET A 146 -3.29 -3.46 -14.10
CA MET A 146 -1.83 -3.47 -14.08
C MET A 146 -1.27 -4.20 -15.32
N LYS A 147 -1.93 -5.26 -15.74
CA LYS A 147 -1.56 -5.97 -16.97
C LYS A 147 -1.70 -5.05 -18.19
N GLU A 148 -2.80 -4.31 -18.25
CA GLU A 148 -3.04 -3.37 -19.35
C GLU A 148 -2.03 -2.23 -19.38
N ILE A 149 -1.65 -1.72 -18.21
CA ILE A 149 -0.60 -0.71 -18.08
C ILE A 149 0.69 -1.27 -18.66
N ALA A 150 1.00 -2.51 -18.29
CA ALA A 150 2.22 -3.13 -18.74
C ALA A 150 2.19 -3.39 -20.25
N GLU A 151 1.03 -3.76 -20.77
CA GLU A 151 0.88 -3.99 -22.22
C GLU A 151 0.99 -2.69 -23.01
N ALA A 152 0.42 -1.61 -22.51
CA ALA A 152 0.61 -0.30 -23.14
C ALA A 152 2.09 0.07 -23.17
N TYR A 153 2.80 -0.25 -22.10
CA TYR A 153 4.23 0.07 -21.99
C TYR A 153 5.08 -0.79 -22.91
N LEU A 154 4.81 -2.10 -22.95
CA LEU A 154 5.68 -3.06 -23.63
C LEU A 154 5.31 -3.31 -25.09
N GLY A 155 4.02 -3.22 -25.41
CA GLY A 155 3.52 -3.64 -26.69
C GLY A 155 3.25 -5.12 -26.67
N GLY A 156 2.14 -5.53 -27.28
CA GLY A 156 1.71 -6.91 -27.30
C GLY A 156 1.02 -7.31 -26.01
N LYS A 157 1.00 -8.62 -25.77
CA LYS A 157 0.27 -9.18 -24.62
C LYS A 157 1.24 -9.73 -23.60
N VAL A 158 0.99 -9.41 -22.33
CA VAL A 158 1.74 -9.96 -21.21
C VAL A 158 1.20 -11.34 -20.88
N HIS A 159 2.11 -12.27 -20.61
CA HIS A 159 1.77 -13.65 -20.30
C HIS A 159 1.94 -14.02 -18.85
N SER A 160 3.05 -13.61 -18.24
CA SER A 160 3.49 -14.17 -16.97
C SER A 160 3.83 -13.08 -15.99
N ALA A 161 3.59 -13.38 -14.70
CA ALA A 161 3.84 -12.40 -13.65
C ALA A 161 4.23 -13.08 -12.35
N VAL A 162 5.06 -12.40 -11.57
CA VAL A 162 5.21 -12.69 -10.16
C VAL A 162 4.30 -11.71 -9.43
N ILE A 163 3.48 -12.20 -8.52
CA ILE A 163 2.62 -11.36 -7.69
C ILE A 163 3.02 -11.52 -6.23
N THR A 164 3.04 -10.41 -5.50
CA THR A 164 3.48 -10.42 -4.11
C THR A 164 2.29 -10.41 -3.16
N VAL A 165 2.54 -10.90 -1.95
CA VAL A 165 1.56 -10.92 -0.85
C VAL A 165 2.28 -10.69 0.48
N PRO A 166 1.54 -10.30 1.53
CA PRO A 166 2.19 -10.15 2.83
C PRO A 166 2.73 -11.49 3.33
N ALA A 167 3.81 -11.45 4.10
CA ALA A 167 4.43 -12.67 4.57
C ALA A 167 3.50 -13.50 5.44
N TYR A 168 2.58 -12.84 6.13
CA TYR A 168 1.63 -13.52 7.02
C TYR A 168 0.45 -14.13 6.29
N PHE A 169 0.31 -13.89 4.98
CA PHE A 169 -0.83 -14.47 4.25
C PHE A 169 -0.82 -15.99 4.39
N ASN A 170 -2.00 -16.56 4.65
CA ASN A 170 -2.14 -18.00 4.73
C ASN A 170 -2.42 -18.56 3.33
N ASP A 171 -2.58 -19.88 3.21
CA ASP A 171 -2.82 -20.50 1.91
C ASP A 171 -4.12 -20.07 1.25
N SER A 172 -5.16 -19.83 2.05
CA SER A 172 -6.41 -19.36 1.46
C SER A 172 -6.25 -17.99 0.79
N GLN A 173 -5.52 -17.11 1.46
CA GLN A 173 -5.28 -15.76 0.95
C GLN A 173 -4.36 -15.80 -0.27
N ARG A 174 -3.34 -16.64 -0.21
CA ARG A 174 -2.45 -16.83 -1.36
C ARG A 174 -3.19 -17.43 -2.55
N GLN A 175 -4.02 -18.43 -2.29
CA GLN A 175 -4.74 -19.06 -3.38
C GLN A 175 -5.76 -18.13 -4.00
N ALA A 176 -6.46 -17.34 -3.18
CA ALA A 176 -7.40 -16.39 -3.72
C ALA A 176 -6.69 -15.33 -4.58
N THR A 177 -5.46 -14.97 -4.18
CA THR A 177 -4.65 -14.06 -4.98
C THR A 177 -4.28 -14.71 -6.32
N LYS A 178 -3.89 -15.98 -6.28
CA LYS A 178 -3.67 -16.76 -7.52
C LYS A 178 -4.91 -16.78 -8.39
N ASP A 179 -6.07 -16.99 -7.77
CA ASP A 179 -7.32 -17.01 -8.51
C ASP A 179 -7.57 -15.67 -9.21
N ALA A 180 -7.25 -14.56 -8.56
CA ALA A 180 -7.38 -13.25 -9.19
C ALA A 180 -6.49 -13.20 -10.44
N GLY A 181 -5.28 -13.73 -10.32
CA GLY A 181 -4.37 -13.81 -11.46
C GLY A 181 -4.94 -14.66 -12.60
N THR A 182 -5.55 -15.78 -12.25
CA THR A 182 -6.13 -16.67 -13.26
C THR A 182 -7.28 -15.99 -13.98
N ILE A 183 -8.14 -15.32 -13.24
CA ILE A 183 -9.27 -14.60 -13.85
C ILE A 183 -8.75 -13.53 -14.82
N THR A 184 -7.67 -12.87 -14.45
CA THR A 184 -7.03 -11.88 -15.31
C THR A 184 -6.39 -12.48 -16.55
N GLY A 185 -6.01 -13.75 -16.50
CA GLY A 185 -5.39 -14.41 -17.63
C GLY A 185 -3.86 -14.37 -17.60
N LEU A 186 -3.30 -14.31 -16.40
CA LEU A 186 -1.86 -14.36 -16.21
C LEU A 186 -1.42 -15.75 -15.76
N ASN A 187 -0.27 -16.17 -16.25
CA ASN A 187 0.49 -17.24 -15.66
C ASN A 187 1.23 -16.68 -14.45
N VAL A 188 0.76 -17.01 -13.26
CA VAL A 188 1.41 -16.56 -12.04
C VAL A 188 2.60 -17.47 -11.78
N LEU A 189 3.78 -16.97 -12.08
CA LEU A 189 5.01 -17.74 -11.97
C LEU A 189 5.26 -18.15 -10.53
N ARG A 190 5.05 -17.21 -9.62
CA ARG A 190 5.25 -17.44 -8.21
C ARG A 190 4.50 -16.37 -7.44
N ILE A 191 4.01 -16.75 -6.26
CA ILE A 191 3.54 -15.81 -5.25
C ILE A 191 4.65 -15.68 -4.25
N ILE A 192 5.22 -14.49 -4.12
CA ILE A 192 6.31 -14.28 -3.18
C ILE A 192 5.92 -13.26 -2.13
N ASN A 193 6.58 -13.35 -0.99
CA ASN A 193 6.30 -12.45 0.11
C ASN A 193 6.85 -11.05 -0.15
N GLU A 194 6.10 -10.03 0.23
CA GLU A 194 6.51 -8.65 0.07
C GLU A 194 7.90 -8.32 0.63
N PRO A 195 8.20 -8.76 1.87
CA PRO A 195 9.53 -8.42 2.37
C PRO A 195 10.65 -9.12 1.61
N THR A 196 10.39 -10.32 1.12
CA THR A 196 11.35 -11.04 0.32
C THR A 196 11.59 -10.33 -1.01
N ALA A 197 10.50 -9.88 -1.64
CA ALA A 197 10.62 -9.07 -2.85
C ALA A 197 11.49 -7.84 -2.63
N ALA A 198 11.27 -7.15 -1.51
CA ALA A 198 12.08 -5.99 -1.19
C ALA A 198 13.57 -6.36 -1.04
N ALA A 199 13.84 -7.48 -0.37
CA ALA A 199 15.21 -7.96 -0.20
C ALA A 199 15.84 -8.30 -1.54
N ILE A 200 15.07 -8.93 -2.42
CA ILE A 200 15.52 -9.24 -3.78
C ILE A 200 15.84 -7.96 -4.55
N ALA A 201 15.04 -6.93 -4.38
CA ALA A 201 15.28 -5.66 -5.06
C ALA A 201 16.63 -5.11 -4.73
N TYR A 202 17.06 -5.28 -3.48
CA TYR A 202 18.37 -4.81 -3.01
C TYR A 202 19.49 -5.85 -3.19
N GLY A 203 19.19 -6.96 -3.84
CA GLY A 203 20.21 -7.98 -4.14
C GLY A 203 20.81 -8.59 -2.90
N LEU A 204 20.04 -8.66 -1.81
CA LEU A 204 20.60 -9.11 -0.53
C LEU A 204 20.87 -10.62 -0.51
N ASP A 205 20.31 -11.34 -1.48
CA ASP A 205 20.61 -12.76 -1.67
C ASP A 205 21.79 -13.01 -2.60
N LYS A 206 22.36 -11.94 -3.16
CA LYS A 206 23.54 -12.06 -4.03
C LYS A 206 24.70 -11.24 -3.47
N LYS A 207 24.64 -10.94 -2.17
CA LYS A 207 25.66 -10.15 -1.49
C LYS A 207 26.30 -10.99 -0.39
N GLY A 208 27.61 -11.17 -0.48
CA GLY A 208 28.35 -12.03 0.43
C GLY A 208 28.44 -13.46 -0.09
N CYS A 209 29.39 -14.21 0.45
CA CYS A 209 29.55 -15.63 0.13
C CYS A 209 29.69 -16.47 1.39
N ALA A 210 30.53 -16.01 2.31
CA ALA A 210 30.62 -16.63 3.63
C ALA A 210 29.27 -16.59 4.34
N GLY A 211 29.06 -17.54 5.25
CA GLY A 211 27.87 -17.54 6.08
C GLY A 211 27.96 -16.51 7.19
N GLY A 212 26.81 -16.20 7.77
CA GLY A 212 26.73 -15.30 8.92
C GLY A 212 26.49 -13.85 8.54
N GLU A 213 25.92 -13.12 9.48
CA GLU A 213 25.65 -11.69 9.32
C GLU A 213 24.82 -11.42 8.07
N LYS A 214 23.70 -12.13 7.97
CA LYS A 214 22.80 -12.05 6.80
C LYS A 214 21.39 -11.70 7.25
N ASN A 215 21.27 -10.92 8.33
CA ASN A 215 19.97 -10.53 8.88
C ASN A 215 19.51 -9.20 8.30
N VAL A 216 18.32 -9.21 7.70
CA VAL A 216 17.72 -7.99 7.16
C VAL A 216 16.41 -7.71 7.86
N LEU A 217 16.18 -6.45 8.22
CA LEU A 217 14.90 -6.01 8.74
C LEU A 217 14.23 -5.14 7.68
N ILE A 218 13.02 -5.52 7.32
CA ILE A 218 12.21 -4.78 6.34
C ILE A 218 11.17 -4.01 7.16
N PHE A 219 11.19 -2.69 7.01
CA PHE A 219 10.28 -1.77 7.71
C PHE A 219 9.36 -1.22 6.64
N ASP A 220 8.13 -1.72 6.62
CA ASP A 220 7.22 -1.47 5.52
C ASP A 220 5.98 -0.76 6.02
N LEU A 221 5.92 0.54 5.78
CA LEU A 221 4.82 1.36 6.22
C LEU A 221 4.14 1.93 4.99
N GLY A 222 2.95 1.40 4.72
CA GLY A 222 2.22 1.74 3.52
C GLY A 222 1.05 2.66 3.76
N GLY A 223 -0.01 2.48 2.97
CA GLY A 223 -1.19 3.32 3.09
C GLY A 223 -2.15 2.84 4.13
N GLY A 224 -2.20 1.53 4.36
CA GLY A 224 -3.13 0.97 5.32
C GLY A 224 -2.51 0.08 6.39
N THR A 225 -1.35 -0.50 6.10
CA THR A 225 -0.72 -1.45 6.98
C THR A 225 0.75 -1.15 7.23
N PHE A 226 1.21 -1.66 8.37
CA PHE A 226 2.59 -1.54 8.80
C PHE A 226 3.12 -2.95 9.08
N ASP A 227 4.18 -3.32 8.36
CA ASP A 227 4.77 -4.66 8.49
C ASP A 227 6.25 -4.54 8.76
N VAL A 228 6.70 -5.20 9.82
CA VAL A 228 8.13 -5.37 10.10
C VAL A 228 8.43 -6.85 9.93
N SER A 229 9.43 -7.17 9.12
CA SER A 229 9.81 -8.55 8.89
C SER A 229 11.32 -8.65 9.09
N ILE A 230 11.77 -9.72 9.73
CA ILE A 230 13.19 -10.04 9.80
C ILE A 230 13.45 -11.30 9.00
N LEU A 231 14.36 -11.19 8.04
CA LEU A 231 14.75 -12.32 7.20
C LEU A 231 16.21 -12.64 7.45
N THR A 232 16.54 -13.92 7.35
CA THR A 232 17.93 -14.34 7.30
CA THR A 232 17.94 -14.35 7.29
C THR A 232 18.13 -14.99 5.93
N ILE A 233 19.20 -14.63 5.25
CA ILE A 233 19.40 -15.06 3.86
C ILE A 233 20.72 -15.80 3.72
N GLU A 234 20.64 -17.13 3.62
CA GLU A 234 21.81 -18.01 3.49
C GLU A 234 21.75 -18.76 2.16
N ASP A 235 22.82 -18.66 1.37
CA ASP A 235 22.94 -19.41 0.11
C ASP A 235 21.76 -19.18 -0.85
N GLY A 236 21.23 -17.95 -0.86
CA GLY A 236 20.10 -17.59 -1.72
C GLY A 236 18.74 -18.05 -1.22
N ILE A 237 18.70 -18.56 0.00
CA ILE A 237 17.45 -19.01 0.62
C ILE A 237 17.01 -17.97 1.63
N PHE A 238 15.85 -17.37 1.39
CA PHE A 238 15.26 -16.44 2.34
C PHE A 238 14.52 -17.23 3.39
N GLU A 239 14.73 -16.89 4.65
CA GLU A 239 13.96 -17.47 5.76
C GLU A 239 13.35 -16.30 6.51
N VAL A 240 12.02 -16.30 6.66
CA VAL A 240 11.36 -15.30 7.49
C VAL A 240 11.51 -15.73 8.95
N LYS A 241 12.28 -14.96 9.72
CA LYS A 241 12.55 -15.25 11.13
C LYS A 241 11.47 -14.73 12.07
N SER A 242 10.89 -13.58 11.75
CA SER A 242 9.83 -13.02 12.55
C SER A 242 9.08 -11.98 11.75
N THR A 243 7.85 -11.74 12.16
CA THR A 243 7.05 -10.66 11.61
C THR A 243 6.28 -10.00 12.74
N ALA A 244 6.05 -8.71 12.58
CA ALA A 244 5.28 -7.92 13.53
C ALA A 244 4.65 -6.78 12.75
N GLY A 245 3.82 -5.99 13.40
CA GLY A 245 3.30 -4.80 12.77
C GLY A 245 1.90 -4.51 13.23
N ASP A 246 1.17 -3.80 12.38
CA ASP A 246 -0.18 -3.36 12.70
C ASP A 246 -0.91 -3.26 11.37
N THR A 247 -1.90 -4.11 11.18
CA THR A 247 -2.65 -4.11 9.95
C THR A 247 -3.61 -2.93 9.81
N HIS A 248 -3.70 -2.08 10.83
CA HIS A 248 -4.53 -0.88 10.78
C HIS A 248 -3.74 0.36 11.15
N LEU A 249 -2.51 0.42 10.63
CA LEU A 249 -1.68 1.61 10.74
C LEU A 249 -1.02 1.87 9.41
N GLY A 250 -1.28 3.04 8.86
CA GLY A 250 -0.68 3.41 7.60
C GLY A 250 -0.90 4.87 7.33
N GLY A 251 -0.50 5.28 6.13
CA GLY A 251 -0.61 6.67 5.70
C GLY A 251 -1.99 7.25 5.83
N GLU A 252 -3.01 6.44 5.60
CA GLU A 252 -4.38 6.93 5.74
C GLU A 252 -4.67 7.45 7.15
N ASP A 253 -4.03 6.86 8.15
CA ASP A 253 -4.23 7.31 9.53
C ASP A 253 -3.57 8.65 9.78
N PHE A 254 -2.44 8.89 9.12
CA PHE A 254 -1.78 10.18 9.21
C PHE A 254 -2.62 11.25 8.53
N ASP A 255 -3.19 10.92 7.37
CA ASP A 255 -4.13 11.81 6.69
C ASP A 255 -5.27 12.18 7.63
N ASN A 256 -5.84 11.19 8.30
CA ASN A 256 -6.99 11.44 9.17
C ASN A 256 -6.67 12.36 10.33
N ARG A 257 -5.45 12.29 10.89
CA ARG A 257 -5.05 13.23 11.94
C ARG A 257 -5.03 14.66 11.40
N MET A 258 -4.58 14.84 10.17
N MET A 258 -4.58 14.84 10.16
CA MET A 258 -4.61 16.14 9.53
CA MET A 258 -4.59 16.15 9.53
C MET A 258 -6.04 16.60 9.30
C MET A 258 -6.01 16.62 9.21
N VAL A 259 -6.90 15.71 8.84
CA VAL A 259 -8.30 16.04 8.57
C VAL A 259 -8.98 16.58 9.82
N SER A 260 -8.82 15.89 10.95
CA SER A 260 -9.42 16.36 12.20
C SER A 260 -8.93 17.78 12.54
N HIS A 261 -7.62 17.98 12.42
CA HIS A 261 -6.99 19.24 12.73
C HIS A 261 -7.51 20.38 11.83
N LEU A 262 -7.55 20.14 10.53
CA LEU A 262 -7.95 21.18 9.60
C LEU A 262 -9.47 21.38 9.56
N ALA A 263 -10.25 20.36 9.85
CA ALA A 263 -11.70 20.54 9.99
C ALA A 263 -12.02 21.45 11.17
N GLU A 264 -11.29 21.26 12.27
CA GLU A 264 -11.40 22.15 13.44
C GLU A 264 -11.03 23.59 13.06
N GLU A 265 -9.99 23.76 12.25
CA GLU A 265 -9.56 25.09 11.81
C GLU A 265 -10.65 25.76 10.96
N PHE A 266 -11.24 25.00 10.04
CA PHE A 266 -12.28 25.53 9.16
C PHE A 266 -13.47 25.98 9.99
N LYS A 267 -13.83 25.20 11.00
CA LYS A 267 -14.92 25.53 11.91
C LYS A 267 -14.60 26.79 12.71
N ARG A 268 -13.36 26.90 13.18
CA ARG A 268 -12.93 28.07 13.94
C ARG A 268 -12.99 29.35 13.08
N LYS A 269 -12.49 29.25 11.85
CA LYS A 269 -12.37 30.42 10.98
C LYS A 269 -13.66 30.81 10.25
N HIS A 270 -14.52 29.83 9.98
CA HIS A 270 -15.71 30.07 9.15
C HIS A 270 -17.03 29.64 9.79
N LYS A 271 -16.98 29.15 11.02
CA LYS A 271 -18.17 28.77 11.78
C LYS A 271 -19.03 27.76 11.05
N LYS A 272 -18.39 26.86 10.31
CA LYS A 272 -19.09 25.80 9.61
C LYS A 272 -18.45 24.46 9.94
N ASP A 273 -19.31 23.48 10.24
CA ASP A 273 -18.88 22.14 10.63
C ASP A 273 -19.09 21.23 9.43
N ILE A 274 -18.00 20.83 8.80
CA ILE A 274 -18.08 19.98 7.61
C ILE A 274 -18.30 18.51 7.96
N GLY A 275 -18.20 18.16 9.23
CA GLY A 275 -18.25 16.78 9.68
C GLY A 275 -19.38 15.94 9.08
N PRO A 276 -20.62 16.46 9.10
CA PRO A 276 -21.74 15.68 8.56
C PRO A 276 -21.79 15.57 7.02
N ASN A 277 -20.91 16.28 6.32
CA ASN A 277 -20.92 16.25 4.87
C ASN A 277 -19.79 15.39 4.35
N LYS A 278 -20.14 14.23 3.80
CA LYS A 278 -19.17 13.25 3.36
C LYS A 278 -18.24 13.77 2.28
N ARG A 279 -18.76 14.51 1.31
CA ARG A 279 -17.93 15.00 0.21
C ARG A 279 -16.88 15.99 0.73
N ALA A 280 -17.29 16.90 1.60
CA ALA A 280 -16.38 17.90 2.14
C ALA A 280 -15.26 17.23 2.92
N VAL A 281 -15.61 16.26 3.77
CA VAL A 281 -14.60 15.54 4.52
C VAL A 281 -13.65 14.80 3.57
N ARG A 282 -14.18 14.20 2.50
CA ARG A 282 -13.36 13.45 1.57
C ARG A 282 -12.42 14.38 0.81
N ARG A 283 -12.92 15.54 0.40
CA ARG A 283 -12.09 16.51 -0.30
C ARG A 283 -10.99 17.05 0.61
N LEU A 284 -11.31 17.29 1.89
CA LEU A 284 -10.27 17.71 2.83
C LEU A 284 -9.24 16.60 3.01
N ARG A 285 -9.68 15.36 3.09
CA ARG A 285 -8.79 14.22 3.20
C ARG A 285 -7.82 14.12 2.02
N THR A 286 -8.34 14.28 0.81
CA THR A 286 -7.52 14.28 -0.39
C THR A 286 -6.50 15.42 -0.34
N ALA A 287 -6.93 16.61 0.05
CA ALA A 287 -6.02 17.74 0.21
C ALA A 287 -4.95 17.48 1.25
N CYS A 288 -5.34 16.87 2.36
CA CYS A 288 -4.38 16.49 3.39
C CYS A 288 -3.34 15.48 2.92
N GLU A 289 -3.77 14.46 2.18
N GLU A 289 -3.79 14.48 2.18
CA GLU A 289 -2.80 13.49 1.64
CA GLU A 289 -2.87 13.48 1.62
C GLU A 289 -1.82 14.18 0.68
C GLU A 289 -1.86 14.15 0.68
N ARG A 290 -2.34 15.06 -0.17
CA ARG A 290 -1.47 15.82 -1.05
C ARG A 290 -0.43 16.64 -0.26
N ALA A 291 -0.91 17.36 0.75
CA ALA A 291 -0.03 18.18 1.57
C ALA A 291 1.00 17.31 2.28
N LYS A 292 0.56 16.19 2.84
CA LYS A 292 1.46 15.26 3.51
C LYS A 292 2.63 14.86 2.61
N ARG A 293 2.34 14.51 1.37
CA ARG A 293 3.41 14.13 0.44
C ARG A 293 4.39 15.27 0.26
N THR A 294 3.88 16.48 0.09
CA THR A 294 4.74 17.65 -0.03
C THR A 294 5.62 17.84 1.19
N LEU A 295 5.09 17.55 2.37
CA LEU A 295 5.83 17.73 3.62
C LEU A 295 6.98 16.73 3.79
N SER A 296 7.07 15.73 2.93
CA SER A 296 8.24 14.85 2.95
C SER A 296 9.45 15.47 2.30
N SER A 297 9.26 16.52 1.48
CA SER A 297 10.40 17.20 0.86
C SER A 297 10.47 18.71 1.13
N SER A 298 9.38 19.28 1.65
CA SER A 298 9.35 20.70 2.03
C SER A 298 8.91 20.79 3.49
N THR A 299 9.19 21.91 4.13
CA THR A 299 8.77 22.09 5.52
C THR A 299 7.40 22.74 5.68
N GLN A 300 6.78 23.11 4.56
CA GLN A 300 5.43 23.65 4.60
C GLN A 300 4.69 23.24 3.34
N ALA A 301 3.37 23.23 3.43
CA ALA A 301 2.53 22.85 2.31
C ALA A 301 1.27 23.66 2.35
N SER A 302 0.75 23.93 1.17
CA SER A 302 -0.50 24.67 1.04
C SER A 302 -1.68 23.71 0.91
N ILE A 303 -2.83 24.19 1.37
CA ILE A 303 -4.10 23.52 1.19
C ILE A 303 -4.94 24.53 0.41
N GLU A 304 -5.52 24.10 -0.72
CA GLU A 304 -6.32 24.98 -1.57
C GLU A 304 -7.55 24.21 -1.97
N ILE A 305 -8.67 24.49 -1.32
CA ILE A 305 -9.93 23.83 -1.63
C ILE A 305 -10.97 24.89 -1.96
N ASP A 306 -11.36 24.95 -3.24
CA ASP A 306 -12.42 25.85 -3.66
C ASP A 306 -13.75 25.31 -3.20
N SER A 307 -14.58 26.17 -2.61
CA SER A 307 -15.96 25.84 -2.33
C SER A 307 -16.04 24.55 -1.48
N LEU A 308 -15.31 24.52 -0.36
CA LEU A 308 -15.33 23.36 0.53
C LEU A 308 -16.71 23.12 1.11
N TYR A 309 -17.39 24.18 1.53
CA TYR A 309 -18.66 24.01 2.21
C TYR A 309 -19.48 25.27 2.09
N GLU A 310 -20.71 25.14 1.58
CA GLU A 310 -21.63 26.26 1.45
C GLU A 310 -21.03 27.41 0.67
N GLY A 311 -20.24 27.09 -0.36
CA GLY A 311 -19.60 28.09 -1.18
C GLY A 311 -18.36 28.75 -0.57
N VAL A 312 -17.94 28.32 0.61
CA VAL A 312 -16.79 28.92 1.29
C VAL A 312 -15.52 28.13 0.95
N ASP A 313 -14.53 28.84 0.40
CA ASP A 313 -13.22 28.25 0.12
C ASP A 313 -12.45 27.97 1.41
N PHE A 314 -11.56 27.00 1.36
CA PHE A 314 -10.63 26.75 2.46
C PHE A 314 -9.22 26.70 1.91
N TYR A 315 -8.50 27.81 2.10
CA TYR A 315 -7.09 27.91 1.76
C TYR A 315 -6.34 28.07 3.06
N THR A 316 -5.33 27.24 3.27
CA THR A 316 -4.54 27.31 4.47
C THR A 316 -3.15 26.73 4.22
N SER A 317 -2.34 26.74 5.28
CA SER A 317 -0.95 26.32 5.24
C SER A 317 -0.75 25.36 6.41
N ILE A 318 0.05 24.32 6.21
CA ILE A 318 0.42 23.44 7.31
C ILE A 318 1.92 23.17 7.26
N THR A 319 2.56 23.11 8.43
CA THR A 319 3.98 22.86 8.50
C THR A 319 4.29 21.38 8.73
N ARG A 320 5.50 21.00 8.34
CA ARG A 320 6.01 19.67 8.67
C ARG A 320 6.00 19.45 10.18
N ALA A 321 6.44 20.44 10.94
CA ALA A 321 6.47 20.31 12.39
C ALA A 321 5.09 20.03 12.95
N ARG A 322 4.07 20.72 12.44
CA ARG A 322 2.73 20.52 12.95
C ARG A 322 2.23 19.12 12.59
N PHE A 323 2.52 18.71 11.35
CA PHE A 323 2.15 17.37 10.89
C PHE A 323 2.78 16.30 11.79
N GLU A 324 4.04 16.50 12.16
CA GLU A 324 4.72 15.56 13.05
C GLU A 324 4.09 15.52 14.43
N GLU A 325 3.64 16.66 14.93
CA GLU A 325 2.95 16.73 16.21
C GLU A 325 1.62 15.99 16.18
N LEU A 326 0.87 16.17 15.10
CA LEU A 326 -0.44 15.52 14.95
C LEU A 326 -0.33 13.99 14.94
N ASN A 327 0.85 13.48 14.60
CA ASN A 327 1.09 12.06 14.44
C ASN A 327 2.18 11.52 15.36
N ALA A 328 2.53 12.26 16.42
CA ALA A 328 3.73 11.94 17.18
C ALA A 328 3.66 10.54 17.79
N ASP A 329 2.49 10.18 18.29
CA ASP A 329 2.27 8.85 18.87
C ASP A 329 2.38 7.75 17.83
N LEU A 330 1.78 7.96 16.67
CA LEU A 330 1.75 6.94 15.63
C LEU A 330 3.14 6.71 15.06
N PHE A 331 3.91 7.78 14.90
CA PHE A 331 5.26 7.66 14.38
C PHE A 331 6.13 6.93 15.41
N ARG A 332 6.10 7.39 16.66
CA ARG A 332 6.93 6.80 17.70
C ARG A 332 6.55 5.35 17.93
N GLY A 333 5.26 5.06 17.83
CA GLY A 333 4.74 3.73 18.03
C GLY A 333 5.21 2.68 17.04
N THR A 334 5.71 3.09 15.88
CA THR A 334 6.23 2.13 14.88
C THR A 334 7.44 1.38 15.43
N LEU A 335 8.09 1.90 16.46
CA LEU A 335 9.27 1.22 17.02
C LEU A 335 8.90 0.00 17.86
N GLU A 336 7.67 -0.06 18.34
CA GLU A 336 7.26 -1.19 19.17
C GLU A 336 7.24 -2.51 18.37
N PRO A 337 6.62 -2.52 17.18
CA PRO A 337 6.74 -3.74 16.37
C PRO A 337 8.16 -4.08 15.96
N VAL A 338 9.03 -3.09 15.80
CA VAL A 338 10.44 -3.39 15.55
C VAL A 338 11.02 -4.16 16.74
N GLU A 339 10.77 -3.67 17.95
CA GLU A 339 11.25 -4.35 19.16
C GLU A 339 10.67 -5.76 19.26
N LYS A 340 9.40 -5.91 18.94
CA LYS A 340 8.74 -7.22 18.99
C LYS A 340 9.34 -8.19 17.98
N ALA A 341 9.53 -7.72 16.75
CA ALA A 341 10.14 -8.57 15.73
C ALA A 341 11.53 -9.03 16.17
N LEU A 342 12.32 -8.13 16.72
CA LEU A 342 13.64 -8.48 17.23
C LEU A 342 13.54 -9.54 18.34
N ARG A 343 12.64 -9.33 19.29
CA ARG A 343 12.43 -10.29 20.38
C ARG A 343 12.06 -11.67 19.83
N ASP A 344 11.10 -11.71 18.90
CA ASP A 344 10.64 -12.99 18.34
C ASP A 344 11.72 -13.69 17.53
N ALA A 345 12.60 -12.92 16.90
CA ALA A 345 13.71 -13.49 16.14
C ALA A 345 14.90 -13.84 17.04
N LYS A 346 14.81 -13.51 18.34
CA LYS A 346 15.90 -13.67 19.29
C LYS A 346 17.16 -12.96 18.82
N LEU A 347 16.97 -11.72 18.37
CA LEU A 347 18.06 -10.87 17.92
C LEU A 347 18.03 -9.56 18.67
N ASP A 348 19.21 -8.99 18.88
CA ASP A 348 19.35 -7.61 19.33
C ASP A 348 19.41 -6.72 18.10
N LYS A 349 19.07 -5.45 18.28
CA LYS A 349 19.09 -4.51 17.18
C LYS A 349 20.46 -4.44 16.52
N GLY A 350 21.53 -4.70 17.28
CA GLY A 350 22.87 -4.66 16.72
C GLY A 350 23.23 -5.83 15.82
N GLN A 351 22.37 -6.85 15.78
CA GLN A 351 22.57 -8.00 14.92
C GLN A 351 21.84 -7.89 13.59
N ILE A 352 21.26 -6.72 13.30
CA ILE A 352 20.64 -6.46 12.00
C ILE A 352 21.68 -5.81 11.09
N GLN A 353 22.00 -6.48 9.99
CA GLN A 353 23.03 -5.99 9.07
C GLN A 353 22.49 -5.01 8.03
N GLU A 354 21.21 -5.13 7.69
CA GLU A 354 20.59 -4.24 6.71
C GLU A 354 19.16 -3.92 7.13
N ILE A 355 18.81 -2.65 7.00
CA ILE A 355 17.46 -2.17 7.24
C ILE A 355 16.94 -1.62 5.92
N VAL A 356 15.77 -2.07 5.50
CA VAL A 356 15.22 -1.68 4.20
C VAL A 356 13.89 -0.95 4.43
N LEU A 357 13.77 0.24 3.87
CA LEU A 357 12.51 0.99 3.89
C LEU A 357 11.63 0.62 2.72
N VAL A 358 10.40 0.23 3.03
CA VAL A 358 9.44 -0.12 2.03
C VAL A 358 8.16 0.62 2.37
N GLY A 359 7.40 0.98 1.35
CA GLY A 359 6.11 1.62 1.55
C GLY A 359 6.20 3.12 1.45
N GLY A 360 5.16 3.73 0.88
CA GLY A 360 5.17 5.15 0.61
C GLY A 360 5.34 6.00 1.85
N SER A 361 4.83 5.55 2.98
CA SER A 361 4.91 6.36 4.21
C SER A 361 6.31 6.45 4.78
N THR A 362 7.23 5.59 4.34
CA THR A 362 8.61 5.66 4.82
C THR A 362 9.38 6.81 4.21
N ARG A 363 8.76 7.55 3.30
CA ARG A 363 9.31 8.80 2.83
C ARG A 363 9.25 9.91 3.88
N ILE A 364 8.43 9.75 4.91
CA ILE A 364 8.26 10.78 5.94
C ILE A 364 9.57 10.92 6.72
N PRO A 365 10.18 12.13 6.70
CA PRO A 365 11.46 12.32 7.39
C PRO A 365 11.50 11.90 8.85
N LYS A 366 10.43 12.19 9.59
CA LYS A 366 10.43 11.89 11.01
C LYS A 366 10.48 10.38 11.25
N ILE A 367 9.80 9.61 10.41
CA ILE A 367 9.84 8.14 10.45
CA ILE A 367 9.84 8.16 10.52
C ILE A 367 11.26 7.63 10.24
N GLN A 368 11.90 8.16 9.21
CA GLN A 368 13.28 7.77 8.93
C GLN A 368 14.20 8.09 10.10
N LYS A 369 14.03 9.27 10.68
CA LYS A 369 14.87 9.71 11.80
C LYS A 369 14.65 8.83 13.01
N LEU A 370 13.39 8.55 13.36
CA LEU A 370 13.12 7.65 14.48
C LEU A 370 13.74 6.28 14.29
N LEU A 371 13.65 5.72 13.08
CA LEU A 371 14.17 4.39 12.84
C LEU A 371 15.69 4.37 12.88
N GLN A 372 16.31 5.33 12.21
CA GLN A 372 17.77 5.41 12.19
C GLN A 372 18.30 5.63 13.61
N ASP A 373 17.65 6.48 14.39
CA ASP A 373 18.08 6.70 15.78
C ASP A 373 17.93 5.41 16.59
N PHE A 374 16.83 4.69 16.39
CA PHE A 374 16.63 3.41 17.06
C PHE A 374 17.77 2.46 16.74
N PHE A 375 18.21 2.47 15.49
CA PHE A 375 19.33 1.65 15.06
C PHE A 375 20.69 2.34 15.20
N ASN A 376 20.78 3.29 16.13
CA ASN A 376 22.05 3.87 16.54
C ASN A 376 22.83 4.53 15.42
N GLY A 377 22.10 5.14 14.49
CA GLY A 377 22.70 5.91 13.41
C GLY A 377 22.98 5.12 12.15
N LYS A 378 22.69 3.83 12.16
CA LYS A 378 22.95 2.98 11.01
C LYS A 378 22.17 3.48 9.79
N GLU A 379 22.85 3.56 8.65
CA GLU A 379 22.23 4.06 7.42
C GLU A 379 21.16 3.07 6.94
N LEU A 380 20.06 3.63 6.46
CA LEU A 380 18.93 2.84 5.96
C LEU A 380 19.05 2.63 4.45
N ASN A 381 18.61 1.48 3.97
CA ASN A 381 18.49 1.25 2.53
C ASN A 381 17.20 1.89 2.03
N LYS A 382 17.36 2.93 1.22
CA LYS A 382 16.22 3.65 0.67
C LYS A 382 16.50 4.19 -0.73
N SER A 383 17.50 3.63 -1.41
CA SER A 383 17.86 4.08 -2.75
C SER A 383 16.87 3.65 -3.80
N ILE A 384 16.10 2.60 -3.51
CA ILE A 384 14.97 2.23 -4.37
C ILE A 384 13.73 2.90 -3.80
N ASN A 385 13.00 3.62 -4.64
CA ASN A 385 11.78 4.30 -4.22
C ASN A 385 10.98 3.34 -3.36
N PRO A 386 10.71 3.70 -2.08
CA PRO A 386 10.14 2.68 -1.20
C PRO A 386 8.79 2.15 -1.62
N ASP A 387 7.98 2.98 -2.26
CA ASP A 387 6.68 2.50 -2.74
C ASP A 387 6.76 1.65 -4.01
N GLU A 388 7.96 1.51 -4.57
CA GLU A 388 8.21 0.70 -5.75
C GLU A 388 9.03 -0.56 -5.49
N ALA A 389 9.62 -0.68 -4.29
CA ALA A 389 10.60 -1.72 -4.03
C ALA A 389 10.05 -3.14 -4.14
N VAL A 390 8.81 -3.34 -3.71
CA VAL A 390 8.18 -4.65 -3.80
C VAL A 390 7.98 -5.03 -5.27
N ALA A 391 7.41 -4.15 -6.08
CA ALA A 391 7.26 -4.43 -7.51
C ALA A 391 8.61 -4.64 -8.18
N TYR A 392 9.61 -3.87 -7.76
CA TYR A 392 10.95 -3.97 -8.31
C TYR A 392 11.48 -5.39 -8.10
N GLY A 393 11.42 -5.87 -6.87
CA GLY A 393 11.90 -7.22 -6.58
C GLY A 393 11.09 -8.30 -7.25
N ALA A 394 9.78 -8.09 -7.36
CA ALA A 394 8.94 -9.02 -8.09
C ALA A 394 9.35 -9.07 -9.57
N ALA A 395 9.71 -7.93 -10.16
CA ALA A 395 10.12 -7.89 -11.56
C ALA A 395 11.43 -8.64 -11.75
N VAL A 396 12.36 -8.45 -10.82
CA VAL A 396 13.64 -9.20 -10.85
C VAL A 396 13.36 -10.70 -10.79
N GLN A 397 12.54 -11.13 -9.83
CA GLN A 397 12.25 -12.55 -9.67
CA GLN A 397 12.20 -12.54 -9.65
C GLN A 397 11.55 -13.10 -10.90
N ALA A 398 10.67 -12.33 -11.52
CA ALA A 398 9.94 -12.80 -12.70
C ALA A 398 10.90 -13.07 -13.84
N ALA A 399 11.87 -12.18 -14.03
CA ALA A 399 12.86 -12.35 -15.09
C ALA A 399 13.69 -13.60 -14.83
N ILE A 400 14.05 -13.82 -13.57
CA ILE A 400 14.81 -15.03 -13.21
C ILE A 400 14.02 -16.29 -13.54
N LEU A 401 12.73 -16.30 -13.23
CA LEU A 401 11.88 -17.48 -13.44
C LEU A 401 11.53 -17.69 -14.93
N ILE A 402 11.67 -16.62 -15.71
CA ILE A 402 11.56 -16.64 -17.17
C ILE A 402 10.16 -16.99 -17.62
#